data_1DDU
#
_entry.id   1DDU
#
_cell.length_a   127.405
_cell.length_b   127.405
_cell.length_c   68.203
_cell.angle_alpha   90.00
_cell.angle_beta   90.00
_cell.angle_gamma   120.00
#
_symmetry.space_group_name_H-M   'P 63'
#
loop_
_entity.id
_entity.type
_entity.pdbx_description
1 polymer 'THYMIDYLATE SYNTHASE'
2 non-polymer 'PHOSPHATE ION'
3 non-polymer "2'-5'DIDEOXYURIDINE"
4 non-polymer '10-PROPARGYL-5,8-DIDEAZAFOLIC ACID'
5 water water
#
_entity_poly.entity_id   1
_entity_poly.type   'polypeptide(L)'
_entity_poly.pdbx_seq_one_letter_code
;(FMT)MKQYLELMQKVLDEGTQKNDRTGTGTLSIFGHQMRFNLQDGFPLVTTKRCHLRSIIHELLWFLQGDTNIAYLHEN
NVTIWDEWADENGDLGPVYGKQWRAWPTPDGRHIDQITTVLNQLKNDPDSRRIIVSAWNVGELDKMALAPCHAFFQFYVA
DGKLSCQLYQRSCDVFLGLPFNIASYALLVHMMAQQCDLEVGDFVWTGGDTHLYSNHMDQTHLQLSREPRPLPKLIIKRK
PESIFDYRFEDFEIEGYDPHPGIKAPVAI
;
_entity_poly.pdbx_strand_id   A,B
#
# COMPACT_ATOMS: atom_id res chain seq x y z
N MET A 2 2.71 17.03 -15.75
CA MET A 2 2.26 17.64 -14.51
C MET A 2 3.48 17.83 -13.63
N LYS A 3 3.46 18.78 -12.68
CA LYS A 3 4.61 19.05 -11.83
C LYS A 3 5.12 17.86 -11.00
N GLN A 4 4.20 16.99 -10.55
CA GLN A 4 4.48 15.81 -9.74
C GLN A 4 5.10 14.63 -10.49
N TYR A 5 4.51 14.43 -11.67
CA TYR A 5 4.88 13.41 -12.63
C TYR A 5 6.28 13.71 -13.18
N LEU A 6 6.53 14.90 -13.76
CA LEU A 6 7.86 15.26 -14.27
C LEU A 6 8.92 15.23 -13.19
N GLU A 7 8.55 15.56 -11.96
CA GLU A 7 9.47 15.47 -10.84
C GLU A 7 9.83 14.03 -10.49
N LEU A 8 8.86 13.10 -10.65
CA LEU A 8 9.09 11.68 -10.39
C LEU A 8 10.08 11.15 -11.39
N MET A 9 9.88 11.40 -12.70
CA MET A 9 10.76 10.92 -13.74
C MET A 9 12.19 11.39 -13.56
N GLN A 10 12.35 12.66 -13.19
CA GLN A 10 13.66 13.21 -12.91
C GLN A 10 14.23 12.51 -11.69
N LYS A 11 13.41 12.04 -10.73
CA LYS A 11 13.91 11.34 -9.55
C LYS A 11 14.37 9.92 -9.84
N VAL A 12 13.78 9.17 -10.78
CA VAL A 12 14.26 7.82 -11.00
C VAL A 12 15.44 8.03 -11.91
N LEU A 13 15.53 9.04 -12.77
CA LEU A 13 16.74 9.25 -13.58
C LEU A 13 17.95 9.74 -12.77
N ASP A 14 17.74 10.52 -11.70
CA ASP A 14 18.83 10.99 -10.86
C ASP A 14 19.17 10.00 -9.77
N GLU A 15 18.18 9.30 -9.20
CA GLU A 15 18.43 8.33 -8.14
C GLU A 15 18.24 6.86 -8.51
N GLY A 16 17.93 6.48 -9.75
CA GLY A 16 17.60 5.10 -10.03
C GLY A 16 18.81 4.25 -10.30
N THR A 17 18.66 2.98 -9.97
CA THR A 17 19.67 1.99 -10.22
C THR A 17 19.24 1.12 -11.40
N GLN A 18 20.16 0.61 -12.20
CA GLN A 18 19.81 -0.19 -13.35
C GLN A 18 19.36 -1.54 -12.86
N LYS A 19 18.21 -2.03 -13.28
CA LYS A 19 17.81 -3.37 -12.95
C LYS A 19 17.64 -4.21 -14.20
N ASN A 20 17.20 -5.43 -13.97
CA ASN A 20 16.86 -6.36 -15.02
C ASN A 20 15.45 -6.83 -14.65
N ASP A 21 14.67 -7.27 -15.63
CA ASP A 21 13.32 -7.74 -15.38
C ASP A 21 12.91 -8.87 -16.27
N ARG A 22 11.73 -9.43 -15.96
CA ARG A 22 11.11 -10.53 -16.71
C ARG A 22 10.97 -10.28 -18.20
N THR A 23 10.63 -9.05 -18.64
CA THR A 23 10.49 -8.78 -20.08
C THR A 23 11.87 -8.71 -20.76
N GLY A 24 12.93 -8.78 -19.93
CA GLY A 24 14.31 -8.76 -20.34
C GLY A 24 14.77 -7.43 -20.89
N THR A 25 13.97 -6.36 -20.77
CA THR A 25 14.29 -5.08 -21.39
C THR A 25 15.31 -4.22 -20.66
N GLY A 26 15.35 -4.26 -19.33
CA GLY A 26 16.27 -3.43 -18.58
C GLY A 26 15.50 -2.20 -18.13
N THR A 27 15.76 -1.70 -16.91
CA THR A 27 15.01 -0.57 -16.38
C THR A 27 15.86 0.34 -15.52
N LEU A 28 15.58 1.63 -15.37
CA LEU A 28 16.11 2.37 -14.24
C LEU A 28 15.03 2.35 -13.15
N SER A 29 15.39 1.99 -11.92
CA SER A 29 14.44 1.81 -10.84
C SER A 29 14.74 2.37 -9.43
N ILE A 30 13.77 3.11 -8.88
CA ILE A 30 13.79 3.53 -7.47
C ILE A 30 12.72 2.71 -6.76
N PHE A 31 12.73 2.58 -5.41
CA PHE A 31 11.68 1.91 -4.64
C PHE A 31 11.03 2.83 -3.60
N GLY A 32 9.71 2.95 -3.61
CA GLY A 32 9.01 3.77 -2.64
C GLY A 32 9.04 5.22 -3.07
N HIS A 33 7.82 5.70 -3.37
CA HIS A 33 7.53 7.08 -3.79
C HIS A 33 6.06 7.45 -3.54
N GLN A 34 5.78 8.73 -3.25
CA GLN A 34 4.46 9.22 -2.94
C GLN A 34 4.31 10.67 -3.41
N MET A 35 3.14 10.91 -4.02
CA MET A 35 2.73 12.20 -4.55
C MET A 35 1.24 12.38 -4.35
N ARG A 36 0.78 13.64 -4.43
CA ARG A 36 -0.61 13.99 -4.15
C ARG A 36 -1.13 14.96 -5.19
N PHE A 37 -2.35 14.67 -5.63
CA PHE A 37 -3.01 15.52 -6.58
C PHE A 37 -4.22 16.02 -5.81
N ASN A 38 -4.38 17.34 -5.60
CA ASN A 38 -5.58 17.86 -5.00
C ASN A 38 -6.53 18.00 -6.16
N LEU A 39 -7.64 17.25 -6.14
CA LEU A 39 -8.58 17.25 -7.28
C LEU A 39 -9.48 18.48 -7.49
N GLN A 40 -9.48 19.41 -6.52
CA GLN A 40 -10.10 20.71 -6.69
C GLN A 40 -9.26 21.54 -7.70
N ASP A 41 -7.94 21.33 -7.83
CA ASP A 41 -7.11 22.03 -8.79
C ASP A 41 -7.23 21.65 -10.28
N GLY A 42 -7.84 20.53 -10.62
CA GLY A 42 -8.00 20.14 -12.01
C GLY A 42 -7.83 18.64 -12.09
N PHE A 43 -8.29 18.11 -13.23
CA PHE A 43 -8.29 16.69 -13.50
C PHE A 43 -6.89 16.36 -13.87
N PRO A 44 -6.23 15.42 -13.20
CA PRO A 44 -4.85 15.11 -13.45
C PRO A 44 -4.53 14.29 -14.71
N LEU A 45 -4.61 14.94 -15.87
CA LEU A 45 -4.31 14.31 -17.12
C LEU A 45 -3.09 15.05 -17.70
N VAL A 46 -1.99 14.30 -17.95
CA VAL A 46 -0.74 14.90 -18.36
C VAL A 46 -0.89 15.76 -19.60
N THR A 47 -0.33 16.96 -19.45
CA THR A 47 -0.36 17.87 -20.59
C THR A 47 0.96 17.88 -21.36
N THR A 48 2.08 17.30 -20.85
CA THR A 48 3.31 17.35 -21.65
C THR A 48 3.52 16.21 -22.65
N LYS A 49 2.43 15.47 -22.93
CA LYS A 49 2.29 14.54 -24.03
C LYS A 49 0.80 14.25 -24.12
N ARG A 50 0.26 13.97 -25.30
CA ARG A 50 -1.16 13.71 -25.49
C ARG A 50 -1.59 12.30 -25.09
N CYS A 51 -2.60 12.30 -24.21
CA CYS A 51 -3.20 11.09 -23.68
C CYS A 51 -4.59 10.86 -24.22
N HIS A 52 -4.90 9.58 -24.32
CA HIS A 52 -6.13 9.11 -24.91
C HIS A 52 -7.15 8.75 -23.82
N LEU A 53 -8.05 9.68 -23.41
CA LEU A 53 -9.12 9.42 -22.44
C LEU A 53 -10.04 8.25 -22.71
N ARG A 54 -10.39 8.08 -24.00
CA ARG A 54 -11.29 7.04 -24.50
C ARG A 54 -10.95 5.63 -23.97
N SER A 55 -9.64 5.37 -23.85
CA SER A 55 -9.15 4.10 -23.33
C SER A 55 -9.22 3.98 -21.82
N ILE A 56 -9.06 5.13 -21.17
CA ILE A 56 -9.10 5.23 -19.72
C ILE A 56 -10.55 5.12 -19.21
N ILE A 57 -11.55 5.66 -19.93
CA ILE A 57 -12.92 5.61 -19.47
C ILE A 57 -13.46 4.23 -19.73
N HIS A 58 -13.24 3.64 -20.91
CA HIS A 58 -13.72 2.29 -21.17
C HIS A 58 -13.06 1.24 -20.32
N GLU A 59 -11.78 1.38 -19.98
CA GLU A 59 -11.17 0.41 -19.09
C GLU A 59 -11.84 0.46 -17.72
N LEU A 60 -12.03 1.66 -17.13
CA LEU A 60 -12.68 1.84 -15.82
C LEU A 60 -14.12 1.33 -15.76
N LEU A 61 -14.92 1.56 -16.81
CA LEU A 61 -16.30 1.11 -16.93
C LEU A 61 -16.37 -0.42 -16.96
N TRP A 62 -15.39 -1.05 -17.63
CA TRP A 62 -15.19 -2.50 -17.71
C TRP A 62 -14.84 -3.07 -16.35
N PHE A 63 -13.95 -2.44 -15.59
CA PHE A 63 -13.61 -2.88 -14.25
C PHE A 63 -14.82 -2.89 -13.32
N LEU A 64 -15.68 -1.86 -13.46
CA LEU A 64 -16.84 -1.67 -12.60
C LEU A 64 -17.97 -2.59 -12.96
N GLN A 65 -18.03 -3.09 -14.19
CA GLN A 65 -19.00 -4.12 -14.52
C GLN A 65 -18.60 -5.53 -14.07
N GLY A 66 -17.34 -5.82 -13.70
CA GLY A 66 -16.89 -7.13 -13.25
C GLY A 66 -16.24 -7.96 -14.36
N ASP A 67 -16.24 -7.40 -15.56
CA ASP A 67 -15.77 -8.09 -16.74
C ASP A 67 -14.24 -8.15 -16.82
N THR A 68 -13.74 -9.30 -17.30
CA THR A 68 -12.32 -9.59 -17.48
C THR A 68 -12.01 -10.18 -18.86
N ASN A 69 -12.91 -10.06 -19.84
CA ASN A 69 -12.72 -10.56 -21.19
C ASN A 69 -12.70 -9.30 -22.05
N ILE A 70 -11.79 -9.24 -23.02
CA ILE A 70 -11.55 -8.03 -23.83
C ILE A 70 -12.58 -7.74 -24.91
N ALA A 71 -13.65 -8.53 -24.93
CA ALA A 71 -14.73 -8.35 -25.87
C ALA A 71 -15.39 -6.97 -25.74
N TYR A 72 -15.71 -6.54 -24.50
CA TYR A 72 -16.23 -5.22 -24.26
C TYR A 72 -15.31 -4.18 -24.85
N LEU A 73 -14.01 -4.31 -24.53
CA LEU A 73 -13.00 -3.33 -24.94
C LEU A 73 -12.83 -3.23 -26.44
N HIS A 74 -12.96 -4.35 -27.17
CA HIS A 74 -12.95 -4.36 -28.62
C HIS A 74 -14.17 -3.69 -29.21
N GLU A 75 -15.37 -4.01 -28.66
CA GLU A 75 -16.60 -3.37 -29.05
C GLU A 75 -16.43 -1.85 -29.11
N ASN A 76 -15.54 -1.27 -28.30
CA ASN A 76 -15.35 0.15 -28.22
C ASN A 76 -14.02 0.71 -28.73
N ASN A 77 -13.31 -0.08 -29.56
CA ASN A 77 -11.99 0.26 -30.13
C ASN A 77 -10.85 0.49 -29.15
N VAL A 78 -10.84 -0.30 -28.08
CA VAL A 78 -9.75 -0.23 -27.14
C VAL A 78 -9.02 -1.56 -27.31
N THR A 79 -7.69 -1.41 -27.47
CA THR A 79 -6.78 -2.53 -27.68
C THR A 79 -5.67 -2.63 -26.64
N ILE A 80 -5.76 -1.95 -25.50
CA ILE A 80 -4.72 -1.89 -24.46
C ILE A 80 -4.38 -3.20 -23.73
N TRP A 81 -5.28 -4.19 -23.75
CA TRP A 81 -5.06 -5.44 -23.04
C TRP A 81 -4.80 -6.63 -23.95
N ASP A 82 -4.95 -6.48 -25.27
CA ASP A 82 -4.86 -7.59 -26.22
C ASP A 82 -3.67 -8.52 -26.12
N GLU A 83 -2.45 -7.97 -25.91
CA GLU A 83 -1.25 -8.78 -25.77
C GLU A 83 -1.28 -9.81 -24.65
N TRP A 84 -2.02 -9.54 -23.57
CA TRP A 84 -2.05 -10.44 -22.45
C TRP A 84 -3.23 -11.42 -22.46
N ALA A 85 -4.22 -11.20 -23.36
CA ALA A 85 -5.41 -12.03 -23.42
C ALA A 85 -5.27 -13.28 -24.27
N ASP A 86 -5.80 -14.40 -23.77
CA ASP A 86 -5.72 -15.67 -24.47
C ASP A 86 -6.54 -15.75 -25.75
N GLU A 87 -6.73 -16.97 -26.25
CA GLU A 87 -7.38 -17.28 -27.52
C GLU A 87 -8.83 -16.80 -27.59
N ASN A 88 -9.46 -16.83 -26.40
CA ASN A 88 -10.86 -16.47 -26.17
C ASN A 88 -11.08 -15.07 -25.60
N GLY A 89 -10.05 -14.21 -25.61
CA GLY A 89 -10.19 -12.88 -25.06
C GLY A 89 -9.99 -12.80 -23.55
N ASP A 90 -9.92 -13.91 -22.82
CA ASP A 90 -9.82 -13.91 -21.38
C ASP A 90 -8.50 -13.53 -20.77
N LEU A 91 -8.60 -12.77 -19.68
CA LEU A 91 -7.46 -12.33 -18.91
C LEU A 91 -7.39 -13.00 -17.54
N GLY A 92 -8.30 -13.93 -17.22
CA GLY A 92 -8.27 -14.58 -15.92
C GLY A 92 -8.78 -13.67 -14.81
N PRO A 93 -8.76 -14.02 -13.52
CA PRO A 93 -9.45 -13.27 -12.49
C PRO A 93 -8.82 -11.92 -12.14
N VAL A 94 -8.57 -10.99 -13.07
CA VAL A 94 -7.88 -9.76 -12.72
C VAL A 94 -8.81 -8.70 -12.13
N TYR A 95 -8.43 -7.41 -12.09
CA TYR A 95 -9.13 -6.34 -11.40
C TYR A 95 -10.63 -6.35 -11.28
N GLY A 96 -11.33 -6.50 -12.42
CA GLY A 96 -12.78 -6.49 -12.44
C GLY A 96 -13.40 -7.56 -11.57
N LYS A 97 -12.85 -8.79 -11.63
CA LYS A 97 -13.33 -9.90 -10.84
C LYS A 97 -13.04 -9.76 -9.33
N GLN A 98 -11.78 -9.45 -8.94
CA GLN A 98 -11.42 -9.26 -7.55
C GLN A 98 -12.26 -8.15 -6.91
N TRP A 99 -12.55 -7.08 -7.66
CA TRP A 99 -13.40 -5.99 -7.19
C TRP A 99 -14.89 -6.27 -6.97
N ARG A 100 -15.53 -7.05 -7.86
CA ARG A 100 -16.99 -7.30 -7.79
C ARG A 100 -17.42 -8.62 -7.19
N ALA A 101 -16.48 -9.55 -7.14
CA ALA A 101 -16.73 -10.90 -6.66
C ALA A 101 -15.45 -11.58 -6.25
N TRP A 102 -14.84 -11.17 -5.13
CA TRP A 102 -13.67 -11.85 -4.57
C TRP A 102 -14.19 -13.13 -3.92
N PRO A 103 -13.82 -14.34 -4.40
CA PRO A 103 -14.17 -15.62 -3.77
C PRO A 103 -13.65 -15.90 -2.35
N THR A 104 -14.50 -16.39 -1.44
CA THR A 104 -14.03 -16.70 -0.09
C THR A 104 -13.69 -18.19 0.02
N PRO A 105 -13.08 -18.72 1.10
CA PRO A 105 -12.91 -20.16 1.25
C PRO A 105 -14.23 -20.92 1.35
N ASP A 106 -15.26 -20.36 2.03
CA ASP A 106 -16.55 -21.00 2.09
C ASP A 106 -17.57 -20.56 1.05
N GLY A 107 -17.18 -20.54 -0.22
CA GLY A 107 -18.07 -20.30 -1.37
C GLY A 107 -18.84 -18.97 -1.51
N ARG A 108 -18.69 -17.98 -0.61
CA ARG A 108 -19.27 -16.65 -0.79
C ARG A 108 -18.44 -15.83 -1.78
N HIS A 109 -19.04 -14.68 -2.11
CA HIS A 109 -18.40 -13.70 -2.97
C HIS A 109 -18.74 -12.32 -2.42
N ILE A 110 -17.68 -11.51 -2.26
CA ILE A 110 -17.80 -10.17 -1.69
C ILE A 110 -17.68 -9.11 -2.76
N ASP A 111 -18.63 -8.18 -2.73
CA ASP A 111 -18.52 -7.12 -3.71
C ASP A 111 -17.95 -5.89 -2.99
N GLN A 112 -16.70 -5.66 -3.40
CA GLN A 112 -15.87 -4.66 -2.77
C GLN A 112 -16.22 -3.27 -3.27
N ILE A 113 -16.97 -3.08 -4.36
CA ILE A 113 -17.30 -1.73 -4.77
C ILE A 113 -18.57 -1.33 -4.05
N THR A 114 -19.67 -2.11 -4.05
CA THR A 114 -20.86 -1.70 -3.33
C THR A 114 -20.61 -1.66 -1.82
N THR A 115 -19.64 -2.44 -1.31
CA THR A 115 -19.24 -2.36 0.09
C THR A 115 -18.60 -1.02 0.46
N VAL A 116 -17.65 -0.55 -0.36
CA VAL A 116 -17.00 0.74 -0.16
C VAL A 116 -18.04 1.87 -0.24
N LEU A 117 -19.10 1.68 -1.02
CA LEU A 117 -20.16 2.68 -1.12
C LEU A 117 -21.09 2.68 0.07
N ASN A 118 -21.34 1.55 0.74
CA ASN A 118 -22.12 1.56 1.96
C ASN A 118 -21.33 2.11 3.14
N GLN A 119 -20.00 1.94 3.09
CA GLN A 119 -19.11 2.52 4.08
C GLN A 119 -19.05 4.01 3.89
N LEU A 120 -18.88 4.54 2.68
CA LEU A 120 -18.90 5.98 2.47
C LEU A 120 -20.21 6.62 2.89
N LYS A 121 -21.34 5.94 2.65
CA LYS A 121 -22.65 6.43 3.04
C LYS A 121 -22.92 6.40 4.55
N ASN A 122 -22.69 5.25 5.21
CA ASN A 122 -23.03 5.03 6.62
C ASN A 122 -21.94 5.11 7.67
N ASP A 123 -20.71 4.92 7.25
CA ASP A 123 -19.56 5.02 8.14
C ASP A 123 -18.33 5.61 7.41
N PRO A 124 -18.36 6.87 6.93
CA PRO A 124 -17.24 7.52 6.25
C PRO A 124 -16.00 7.79 7.09
N ASP A 125 -16.14 7.62 8.42
CA ASP A 125 -15.03 7.75 9.36
C ASP A 125 -14.34 6.44 9.67
N SER A 126 -14.78 5.39 8.96
CA SER A 126 -14.11 4.08 8.96
C SER A 126 -12.66 4.11 8.44
N ARG A 127 -11.75 3.41 9.11
CA ARG A 127 -10.36 3.26 8.70
C ARG A 127 -10.19 2.00 7.87
N ARG A 128 -11.28 1.31 7.60
CA ARG A 128 -11.31 0.07 6.83
C ARG A 128 -11.92 0.28 5.43
N ILE A 129 -11.84 1.42 4.72
CA ILE A 129 -12.51 1.54 3.42
C ILE A 129 -11.56 1.22 2.24
N ILE A 130 -11.31 -0.08 2.12
CA ILE A 130 -10.35 -0.67 1.19
C ILE A 130 -10.93 -1.54 0.09
N VAL A 131 -10.33 -1.50 -1.11
CA VAL A 131 -10.62 -2.42 -2.18
C VAL A 131 -9.23 -2.99 -2.57
N SER A 132 -9.12 -4.33 -2.66
CA SER A 132 -7.87 -4.97 -3.01
C SER A 132 -8.06 -5.93 -4.17
N ALA A 133 -7.17 -5.75 -5.13
CA ALA A 133 -7.16 -6.63 -6.25
C ALA A 133 -6.14 -7.71 -6.03
N TRP A 134 -5.32 -7.63 -4.97
CA TRP A 134 -4.23 -8.56 -4.77
C TRP A 134 -4.72 -9.80 -4.04
N ASN A 135 -5.43 -10.71 -4.69
CA ASN A 135 -5.81 -11.97 -4.03
C ASN A 135 -4.74 -12.95 -4.41
N VAL A 136 -3.98 -13.29 -3.35
CA VAL A 136 -2.84 -14.21 -3.40
C VAL A 136 -3.27 -15.55 -3.95
N GLY A 137 -4.46 -16.00 -3.51
CA GLY A 137 -5.07 -17.26 -3.92
C GLY A 137 -5.43 -17.43 -5.39
N GLU A 138 -5.54 -16.35 -6.17
CA GLU A 138 -5.86 -16.51 -7.59
C GLU A 138 -4.82 -15.97 -8.56
N LEU A 139 -3.63 -15.58 -8.07
CA LEU A 139 -2.62 -14.94 -8.90
C LEU A 139 -2.15 -15.75 -10.09
N ASP A 140 -2.10 -17.08 -9.92
CA ASP A 140 -1.63 -17.99 -10.94
C ASP A 140 -2.58 -18.15 -12.09
N LYS A 141 -3.85 -17.86 -11.84
CA LYS A 141 -4.85 -17.93 -12.88
C LYS A 141 -4.96 -16.58 -13.58
N MET A 142 -4.12 -15.58 -13.24
CA MET A 142 -4.25 -14.24 -13.81
C MET A 142 -3.26 -13.97 -14.92
N ALA A 143 -3.71 -13.23 -15.97
CA ALA A 143 -2.89 -12.92 -17.16
C ALA A 143 -1.58 -12.19 -16.87
N LEU A 144 -1.72 -11.16 -16.04
CA LEU A 144 -0.59 -10.38 -15.53
C LEU A 144 -0.93 -10.17 -14.04
N ALA A 145 0.05 -10.02 -13.14
CA ALA A 145 -0.25 -9.80 -11.71
C ALA A 145 -0.70 -8.38 -11.47
N PRO A 146 -1.67 -8.06 -10.61
CA PRO A 146 -2.18 -6.69 -10.40
C PRO A 146 -1.14 -5.61 -10.09
N CYS A 147 -1.04 -4.57 -10.95
CA CYS A 147 -0.10 -3.51 -10.64
C CYS A 147 -0.66 -2.51 -9.65
N HIS A 148 -1.92 -2.10 -9.87
CA HIS A 148 -2.58 -1.18 -8.95
C HIS A 148 -3.35 -2.10 -8.05
N ALA A 149 -2.60 -2.49 -7.02
CA ALA A 149 -2.98 -3.60 -6.15
C ALA A 149 -3.95 -3.40 -5.04
N PHE A 150 -4.03 -2.17 -4.53
CA PHE A 150 -4.69 -1.94 -3.26
C PHE A 150 -5.00 -0.46 -3.20
N PHE A 151 -6.17 0.00 -2.72
CA PHE A 151 -6.46 1.42 -2.57
C PHE A 151 -7.43 1.71 -1.43
N GLN A 152 -7.35 2.91 -0.85
CA GLN A 152 -8.16 3.24 0.29
C GLN A 152 -8.79 4.62 0.30
N PHE A 153 -10.08 4.73 0.61
CA PHE A 153 -10.75 6.03 0.63
C PHE A 153 -10.79 6.61 2.04
N TYR A 154 -10.98 7.90 2.14
CA TYR A 154 -10.96 8.61 3.41
C TYR A 154 -11.84 9.81 3.20
N VAL A 155 -12.52 10.21 4.26
CA VAL A 155 -13.33 11.40 4.21
C VAL A 155 -12.87 12.33 5.33
N ALA A 156 -12.74 13.62 5.01
CA ALA A 156 -12.37 14.60 6.00
C ALA A 156 -13.30 15.81 6.14
N ASP A 157 -13.20 16.86 5.33
CA ASP A 157 -14.10 17.96 5.50
C ASP A 157 -15.05 18.02 4.31
N GLY A 158 -15.85 16.93 4.34
CA GLY A 158 -16.87 16.64 3.33
C GLY A 158 -16.32 16.41 1.92
N LYS A 159 -15.15 15.76 1.88
CA LYS A 159 -14.37 15.53 0.69
C LYS A 159 -13.78 14.14 0.72
N LEU A 160 -13.79 13.50 -0.46
CA LEU A 160 -13.32 12.15 -0.62
C LEU A 160 -11.92 12.03 -1.18
N SER A 161 -11.06 11.39 -0.40
CA SER A 161 -9.67 11.16 -0.78
C SER A 161 -9.38 9.67 -0.96
N CYS A 162 -8.36 9.38 -1.75
CA CYS A 162 -8.02 8.01 -2.11
C CYS A 162 -6.52 7.88 -2.26
N GLN A 163 -6.03 6.79 -1.68
CA GLN A 163 -4.63 6.45 -1.78
C GLN A 163 -4.46 5.16 -2.55
N LEU A 164 -3.73 5.11 -3.67
CA LEU A 164 -3.47 3.84 -4.34
C LEU A 164 -2.09 3.34 -3.98
N TYR A 165 -1.89 2.02 -3.95
CA TYR A 165 -0.56 1.44 -3.84
C TYR A 165 -0.42 0.60 -5.08
N GLN A 166 0.58 1.03 -5.84
CA GLN A 166 0.89 0.42 -7.11
C GLN A 166 2.19 -0.26 -6.84
N ARG A 167 2.25 -1.59 -6.91
CA ARG A 167 3.48 -2.35 -6.60
C ARG A 167 4.61 -2.31 -7.66
N SER A 168 4.19 -1.94 -8.86
CA SER A 168 5.06 -1.81 -9.99
C SER A 168 4.48 -0.72 -10.91
N CYS A 169 5.31 0.23 -11.32
CA CYS A 169 4.86 1.31 -12.17
C CYS A 169 5.76 1.60 -13.35
N ASP A 170 5.32 1.45 -14.59
CA ASP A 170 6.05 1.96 -15.74
C ASP A 170 5.69 3.46 -15.83
N VAL A 171 6.55 4.34 -15.30
CA VAL A 171 6.34 5.78 -15.28
C VAL A 171 6.07 6.38 -16.64
N PHE A 172 6.63 5.87 -17.74
CA PHE A 172 6.41 6.56 -19.02
C PHE A 172 5.08 6.13 -19.63
N LEU A 173 4.83 4.82 -19.67
CA LEU A 173 3.67 4.38 -20.36
C LEU A 173 2.47 4.12 -19.48
N GLY A 174 2.59 3.56 -18.29
CA GLY A 174 1.43 3.19 -17.52
C GLY A 174 0.87 4.23 -16.57
N LEU A 175 1.74 4.98 -15.90
CA LEU A 175 1.33 5.93 -14.91
C LEU A 175 0.45 7.08 -15.38
N PRO A 176 0.60 7.90 -16.43
CA PRO A 176 -0.45 8.74 -17.00
C PRO A 176 -1.88 8.15 -17.01
N PHE A 177 -1.95 6.86 -17.34
CA PHE A 177 -3.19 6.10 -17.43
C PHE A 177 -3.82 5.83 -16.07
N ASN A 178 -3.04 5.20 -15.16
CA ASN A 178 -3.48 4.86 -13.81
C ASN A 178 -3.81 6.03 -12.93
N ILE A 179 -3.22 7.22 -13.10
CA ILE A 179 -3.61 8.27 -12.21
C ILE A 179 -4.89 8.92 -12.77
N ALA A 180 -5.09 9.15 -14.08
CA ALA A 180 -6.38 9.62 -14.57
C ALA A 180 -7.54 8.62 -14.34
N SER A 181 -7.28 7.29 -14.23
CA SER A 181 -8.30 6.27 -14.00
C SER A 181 -8.88 6.37 -12.59
N TYR A 182 -7.94 6.48 -11.64
CA TYR A 182 -8.34 6.63 -10.26
C TYR A 182 -8.95 7.98 -9.92
N ALA A 183 -8.45 9.09 -10.47
CA ALA A 183 -9.04 10.40 -10.25
C ALA A 183 -10.48 10.40 -10.76
N LEU A 184 -10.73 9.65 -11.85
CA LEU A 184 -12.07 9.53 -12.39
C LEU A 184 -12.97 8.63 -11.53
N LEU A 185 -12.43 7.54 -10.90
CA LEU A 185 -13.20 6.72 -9.95
C LEU A 185 -13.60 7.54 -8.74
N VAL A 186 -12.68 8.37 -8.23
CA VAL A 186 -12.95 9.26 -7.11
C VAL A 186 -14.00 10.32 -7.46
N HIS A 187 -14.20 10.83 -8.70
CA HIS A 187 -15.30 11.76 -8.97
C HIS A 187 -16.61 11.02 -9.06
N MET A 188 -16.54 9.76 -9.45
CA MET A 188 -17.74 8.97 -9.58
C MET A 188 -18.24 8.62 -8.19
N MET A 189 -17.40 8.19 -7.24
CA MET A 189 -17.79 7.84 -5.88
C MET A 189 -18.28 9.09 -5.14
N ALA A 190 -17.54 10.20 -5.27
CA ALA A 190 -17.96 11.48 -4.73
C ALA A 190 -19.29 11.93 -5.37
N GLN A 191 -19.62 11.67 -6.66
CA GLN A 191 -20.92 12.11 -7.19
C GLN A 191 -22.05 11.29 -6.57
N GLN A 192 -21.84 9.99 -6.41
CA GLN A 192 -22.77 9.08 -5.78
C GLN A 192 -22.97 9.28 -4.28
N CYS A 193 -21.95 9.73 -3.52
CA CYS A 193 -22.08 9.89 -2.08
C CYS A 193 -22.33 11.34 -1.71
N ASP A 194 -22.62 12.16 -2.71
CA ASP A 194 -22.87 13.59 -2.51
C ASP A 194 -21.78 14.24 -1.67
N LEU A 195 -20.54 13.84 -1.99
CA LEU A 195 -19.35 14.38 -1.35
C LEU A 195 -18.55 15.14 -2.36
N GLU A 196 -17.70 16.03 -1.88
CA GLU A 196 -16.78 16.74 -2.76
C GLU A 196 -15.52 15.91 -3.00
N VAL A 197 -14.65 16.33 -3.89
CA VAL A 197 -13.44 15.60 -4.19
C VAL A 197 -12.29 16.18 -3.36
N GLY A 198 -11.67 15.26 -2.64
CA GLY A 198 -10.49 15.56 -1.84
C GLY A 198 -9.25 15.32 -2.66
N ASP A 199 -8.24 14.60 -2.16
CA ASP A 199 -7.05 14.28 -2.95
C ASP A 199 -6.85 12.84 -3.38
N PHE A 200 -6.09 12.66 -4.46
CA PHE A 200 -5.61 11.36 -4.90
C PHE A 200 -4.14 11.24 -4.53
N VAL A 201 -3.87 10.49 -3.47
CA VAL A 201 -2.50 10.16 -3.07
C VAL A 201 -1.99 8.88 -3.78
N TRP A 202 -0.95 8.98 -4.62
CA TRP A 202 -0.37 7.81 -5.28
C TRP A 202 0.88 7.29 -4.58
N THR A 203 0.92 6.01 -4.24
CA THR A 203 2.13 5.39 -3.66
C THR A 203 2.73 4.28 -4.52
N GLY A 204 4.01 4.34 -4.86
CA GLY A 204 4.64 3.34 -5.71
C GLY A 204 5.62 2.41 -5.01
N GLY A 205 5.64 1.17 -5.46
CA GLY A 205 6.62 0.21 -4.99
C GLY A 205 7.81 0.33 -5.94
N ASP A 206 8.00 -0.59 -6.89
CA ASP A 206 9.11 -0.52 -7.81
C ASP A 206 8.65 0.40 -8.92
N THR A 207 9.17 1.63 -8.82
CA THR A 207 8.77 2.70 -9.72
C THR A 207 9.94 2.87 -10.67
N HIS A 208 9.69 2.59 -11.96
CA HIS A 208 10.74 2.52 -12.98
C HIS A 208 10.42 3.07 -14.34
N LEU A 209 11.49 3.21 -15.11
CA LEU A 209 11.47 3.73 -16.46
C LEU A 209 12.21 2.69 -17.30
N TYR A 210 11.66 2.08 -18.36
CA TYR A 210 12.48 1.16 -19.15
C TYR A 210 13.53 1.90 -19.96
N SER A 211 14.65 1.20 -20.17
CA SER A 211 15.76 1.63 -21.00
C SER A 211 15.39 2.15 -22.40
N ASN A 212 14.45 1.50 -23.07
CA ASN A 212 13.97 1.93 -24.37
C ASN A 212 12.83 2.96 -24.28
N HIS A 213 12.83 3.74 -23.19
CA HIS A 213 11.93 4.87 -23.02
C HIS A 213 12.77 6.07 -22.62
N MET A 214 14.11 5.99 -22.68
CA MET A 214 14.95 7.08 -22.20
C MET A 214 14.97 8.38 -22.98
N ASP A 215 15.10 8.35 -24.31
CA ASP A 215 15.10 9.59 -25.08
C ASP A 215 13.77 10.28 -25.01
N GLN A 216 12.68 9.52 -25.07
CA GLN A 216 11.32 10.01 -24.88
C GLN A 216 11.12 10.73 -23.54
N THR A 217 11.64 10.08 -22.48
CA THR A 217 11.60 10.63 -21.15
C THR A 217 12.27 12.00 -21.15
N HIS A 218 13.46 12.18 -21.75
CA HIS A 218 14.12 13.48 -21.73
C HIS A 218 13.50 14.51 -22.67
N LEU A 219 12.79 14.03 -23.70
CA LEU A 219 12.05 14.88 -24.61
C LEU A 219 10.86 15.51 -23.87
N GLN A 220 10.11 14.69 -23.13
CA GLN A 220 8.98 15.15 -22.33
C GLN A 220 9.35 16.11 -21.19
N LEU A 221 10.45 15.76 -20.57
CA LEU A 221 11.04 16.50 -19.49
C LEU A 221 11.47 17.90 -19.90
N SER A 222 11.62 18.16 -21.22
CA SER A 222 12.00 19.46 -21.69
C SER A 222 10.81 20.40 -21.95
N ARG A 223 9.61 19.93 -21.59
CA ARG A 223 8.38 20.68 -21.84
C ARG A 223 7.85 21.28 -20.56
N GLU A 224 7.21 22.43 -20.74
CA GLU A 224 6.60 23.16 -19.65
C GLU A 224 5.16 22.69 -19.50
N PRO A 225 4.74 22.14 -18.33
CA PRO A 225 3.36 21.69 -18.10
C PRO A 225 2.40 22.80 -18.38
N ARG A 226 1.25 22.39 -18.89
CA ARG A 226 0.23 23.33 -19.31
C ARG A 226 -0.90 23.35 -18.24
N PRO A 227 -1.88 24.29 -18.21
CA PRO A 227 -3.05 24.29 -17.33
C PRO A 227 -3.82 22.99 -17.43
N LEU A 228 -4.09 22.45 -16.26
CA LEU A 228 -4.78 21.17 -16.09
C LEU A 228 -6.26 21.16 -16.52
N PRO A 229 -6.76 20.18 -17.31
CA PRO A 229 -8.15 20.06 -17.76
C PRO A 229 -9.21 20.03 -16.68
N LYS A 230 -10.48 19.98 -17.05
CA LYS A 230 -11.61 20.02 -16.11
C LYS A 230 -12.60 18.91 -16.37
N LEU A 231 -13.05 18.14 -15.37
CA LEU A 231 -14.02 17.10 -15.63
C LEU A 231 -15.45 17.59 -15.39
N ILE A 232 -16.24 17.54 -16.45
CA ILE A 232 -17.66 17.88 -16.33
C ILE A 232 -18.37 16.55 -16.53
N ILE A 233 -19.32 16.29 -15.62
CA ILE A 233 -20.17 15.09 -15.63
C ILE A 233 -21.58 15.62 -15.85
N LYS A 234 -22.20 15.17 -16.93
CA LYS A 234 -23.48 15.69 -17.35
C LYS A 234 -24.69 14.94 -16.82
N ARG A 235 -24.54 14.11 -15.78
CA ARG A 235 -25.59 13.22 -15.29
C ARG A 235 -25.24 12.55 -13.95
N LYS A 236 -26.15 12.19 -13.14
CA LYS A 236 -25.90 11.43 -11.90
C LYS A 236 -26.68 10.10 -11.98
N PRO A 237 -26.15 9.08 -12.60
CA PRO A 237 -26.74 7.74 -12.64
C PRO A 237 -27.26 7.21 -11.30
N GLU A 238 -28.24 6.28 -11.35
CA GLU A 238 -28.79 5.73 -10.15
C GLU A 238 -27.80 5.00 -9.28
N SER A 239 -26.76 4.43 -9.91
CA SER A 239 -25.70 3.70 -9.24
C SER A 239 -24.38 3.96 -9.91
N ILE A 240 -23.29 3.61 -9.23
CA ILE A 240 -21.93 3.71 -9.75
C ILE A 240 -21.69 2.80 -10.97
N PHE A 241 -22.57 1.81 -11.17
CA PHE A 241 -22.45 0.84 -12.27
C PHE A 241 -23.23 1.24 -13.52
N ASP A 242 -23.94 2.38 -13.44
CA ASP A 242 -24.77 2.90 -14.53
C ASP A 242 -24.17 4.02 -15.36
N TYR A 243 -22.88 4.34 -15.20
CA TYR A 243 -22.25 5.36 -16.02
C TYR A 243 -21.98 4.85 -17.42
N ARG A 244 -21.98 5.83 -18.31
CA ARG A 244 -21.72 5.62 -19.72
C ARG A 244 -20.63 6.61 -20.06
N PHE A 245 -19.98 6.28 -21.17
CA PHE A 245 -18.85 7.07 -21.67
C PHE A 245 -19.27 8.51 -21.94
N GLU A 246 -20.37 8.68 -22.67
CA GLU A 246 -20.96 9.97 -23.04
C GLU A 246 -21.25 10.97 -21.93
N ASP A 247 -21.39 10.52 -20.68
CA ASP A 247 -21.67 11.40 -19.56
C ASP A 247 -20.44 12.20 -19.16
N PHE A 248 -19.30 11.89 -19.77
CA PHE A 248 -18.07 12.53 -19.39
C PHE A 248 -17.50 13.42 -20.49
N GLU A 249 -17.30 14.66 -20.03
CA GLU A 249 -16.72 15.73 -20.81
C GLU A 249 -15.44 16.23 -20.12
N ILE A 250 -14.34 16.46 -20.87
CA ILE A 250 -13.16 17.04 -20.29
C ILE A 250 -13.05 18.39 -21.03
N GLU A 251 -12.96 19.49 -20.29
CA GLU A 251 -12.81 20.80 -20.90
C GLU A 251 -11.43 21.35 -20.66
N GLY A 252 -11.01 22.26 -21.54
CA GLY A 252 -9.71 22.93 -21.46
C GLY A 252 -8.48 22.06 -21.63
N TYR A 253 -8.48 20.98 -22.45
CA TYR A 253 -7.31 20.11 -22.58
C TYR A 253 -6.46 20.40 -23.83
N ASP A 254 -5.28 20.97 -23.53
CA ASP A 254 -4.33 21.44 -24.53
C ASP A 254 -2.94 20.80 -24.49
N PRO A 255 -2.74 19.50 -24.74
CA PRO A 255 -1.46 18.83 -24.55
C PRO A 255 -0.42 19.18 -25.60
N HIS A 256 0.85 18.95 -25.26
CA HIS A 256 1.95 19.05 -26.19
C HIS A 256 1.81 17.82 -27.10
N PRO A 257 2.50 17.62 -28.23
CA PRO A 257 2.27 16.47 -29.11
C PRO A 257 2.55 15.10 -28.46
N GLY A 258 1.84 14.06 -28.95
CA GLY A 258 1.98 12.68 -28.46
C GLY A 258 3.42 12.18 -28.55
N ILE A 259 3.89 11.32 -27.63
CA ILE A 259 5.23 10.73 -27.75
C ILE A 259 5.09 9.20 -27.82
N LYS A 260 5.45 8.51 -28.91
CA LYS A 260 5.25 7.04 -28.97
C LYS A 260 6.35 6.24 -28.38
N ALA A 261 6.09 5.05 -27.79
CA ALA A 261 7.13 4.24 -27.16
C ALA A 261 6.75 2.79 -26.94
N PRO A 262 7.62 1.79 -27.18
CA PRO A 262 7.31 0.35 -27.02
C PRO A 262 6.83 -0.19 -25.68
N VAL A 263 5.96 -1.21 -25.74
CA VAL A 263 5.41 -1.82 -24.54
C VAL A 263 6.19 -3.08 -24.26
N ALA A 264 6.61 -3.27 -23.02
CA ALA A 264 7.32 -4.48 -22.67
C ALA A 264 6.39 -5.67 -22.52
N ILE A 265 6.98 -6.76 -22.98
CA ILE A 265 6.32 -8.03 -23.06
C ILE A 265 6.00 -8.80 -21.81
N MET B 2 12.84 9.58 17.00
CA MET B 2 13.68 9.87 15.85
C MET B 2 13.18 11.03 15.03
N LYS B 3 14.00 11.73 14.24
CA LYS B 3 13.54 12.95 13.56
C LYS B 3 12.36 12.78 12.60
N GLN B 4 12.31 11.69 11.81
CA GLN B 4 11.20 11.38 10.92
C GLN B 4 9.90 11.18 11.68
N TYR B 5 9.97 10.44 12.80
CA TYR B 5 8.84 10.10 13.63
C TYR B 5 8.28 11.31 14.34
N LEU B 6 9.15 12.12 14.94
CA LEU B 6 8.77 13.33 15.66
C LEU B 6 8.08 14.31 14.70
N GLU B 7 8.51 14.34 13.43
CA GLU B 7 7.93 15.24 12.44
C GLU B 7 6.49 14.94 12.03
N LEU B 8 6.18 13.64 12.04
CA LEU B 8 4.83 13.18 11.78
C LEU B 8 3.95 13.51 12.97
N MET B 9 4.44 13.34 14.22
CA MET B 9 3.70 13.76 15.40
C MET B 9 3.28 15.22 15.33
N GLN B 10 4.23 16.02 14.86
CA GLN B 10 4.03 17.44 14.64
C GLN B 10 3.15 17.73 13.43
N LYS B 11 3.14 16.88 12.39
CA LYS B 11 2.29 17.08 11.22
C LYS B 11 0.82 16.78 11.56
N VAL B 12 0.58 15.81 12.44
CA VAL B 12 -0.77 15.44 12.83
C VAL B 12 -1.30 16.52 13.77
N LEU B 13 -0.57 16.97 14.80
CA LEU B 13 -1.03 18.06 15.62
C LEU B 13 -1.27 19.31 14.76
N ASP B 14 -0.36 19.69 13.84
CA ASP B 14 -0.59 20.87 13.02
C ASP B 14 -1.72 20.76 12.03
N GLU B 15 -1.64 19.77 11.12
CA GLU B 15 -2.58 19.62 10.03
C GLU B 15 -3.80 18.73 10.27
N GLY B 16 -3.78 17.85 11.28
CA GLY B 16 -4.86 16.88 11.53
C GLY B 16 -6.25 17.44 11.66
N THR B 17 -7.22 16.67 11.18
CA THR B 17 -8.63 17.02 11.19
C THR B 17 -9.21 16.25 12.35
N GLN B 18 -10.24 16.75 13.02
CA GLN B 18 -10.76 16.02 14.16
C GLN B 18 -11.86 15.04 13.77
N LYS B 19 -11.63 13.76 14.03
CA LYS B 19 -12.60 12.74 13.67
C LYS B 19 -13.20 12.00 14.84
N ASN B 20 -14.37 11.40 14.62
CA ASN B 20 -14.99 10.60 15.67
C ASN B 20 -14.69 9.15 15.31
N ASP B 21 -13.93 8.44 16.13
CA ASP B 21 -13.66 7.06 15.78
C ASP B 21 -14.55 6.09 16.54
N ARG B 22 -14.50 4.84 16.11
CA ARG B 22 -15.29 3.74 16.64
C ARG B 22 -15.31 3.49 18.16
N THR B 23 -14.34 4.03 18.93
CA THR B 23 -14.25 3.90 20.40
C THR B 23 -14.93 5.02 21.20
N GLY B 24 -15.30 6.05 20.42
CA GLY B 24 -15.91 7.28 20.88
C GLY B 24 -14.91 8.32 21.38
N THR B 25 -13.61 8.04 21.29
CA THR B 25 -12.63 8.92 21.90
C THR B 25 -12.29 10.13 21.04
N GLY B 26 -12.29 10.02 19.71
CA GLY B 26 -11.93 11.16 18.91
C GLY B 26 -10.44 11.15 18.63
N THR B 27 -10.10 11.58 17.43
CA THR B 27 -8.77 11.44 16.92
C THR B 27 -8.33 12.67 16.12
N LEU B 28 -7.01 12.98 16.10
CA LEU B 28 -6.44 13.98 15.19
C LEU B 28 -5.84 13.17 14.06
N SER B 29 -6.38 13.34 12.86
CA SER B 29 -6.08 12.47 11.75
C SER B 29 -5.66 13.06 10.41
N ILE B 30 -4.69 12.44 9.76
CA ILE B 30 -4.34 12.80 8.38
C ILE B 30 -4.50 11.56 7.53
N PHE B 31 -4.41 11.73 6.20
CA PHE B 31 -4.48 10.62 5.26
C PHE B 31 -3.28 10.69 4.32
N GLY B 32 -2.47 9.63 4.32
CA GLY B 32 -1.36 9.52 3.40
C GLY B 32 -0.13 10.18 3.91
N HIS B 33 0.87 9.34 4.20
CA HIS B 33 2.17 9.79 4.68
C HIS B 33 3.23 8.70 4.48
N GLN B 34 4.45 9.06 4.02
CA GLN B 34 5.48 8.03 3.93
C GLN B 34 6.77 8.46 4.58
N MET B 35 7.46 7.51 5.21
CA MET B 35 8.70 7.75 5.92
C MET B 35 9.73 6.72 5.46
N ARG B 36 10.97 7.13 5.17
CA ARG B 36 12.00 6.22 4.70
C ARG B 36 13.05 6.11 5.78
N PHE B 37 13.50 4.90 6.09
CA PHE B 37 14.50 4.66 7.11
C PHE B 37 15.68 3.96 6.50
N ASN B 38 16.88 4.52 6.54
CA ASN B 38 18.03 3.77 6.01
C ASN B 38 18.56 2.86 7.13
N LEU B 39 18.35 1.57 7.05
CA LEU B 39 18.76 0.65 8.10
C LEU B 39 20.26 0.46 8.26
N GLN B 40 21.08 1.15 7.46
CA GLN B 40 22.52 1.10 7.62
C GLN B 40 22.92 2.05 8.74
N ASP B 41 22.20 3.19 8.80
CA ASP B 41 22.34 4.24 9.80
C ASP B 41 21.93 3.83 11.21
N GLY B 42 21.46 2.60 11.47
CA GLY B 42 21.09 2.14 12.82
C GLY B 42 19.71 1.50 12.92
N PHE B 43 19.36 0.84 14.05
CA PHE B 43 18.05 0.21 14.17
C PHE B 43 17.05 1.30 14.45
N PRO B 44 15.93 1.46 13.71
CA PRO B 44 14.91 2.47 13.96
C PRO B 44 13.98 2.21 15.13
N LEU B 45 14.55 2.24 16.34
CA LEU B 45 13.81 2.10 17.59
C LEU B 45 13.73 3.49 18.19
N VAL B 46 12.61 3.98 18.75
CA VAL B 46 12.65 5.34 19.30
C VAL B 46 13.49 5.49 20.57
N THR B 47 14.08 6.68 20.64
CA THR B 47 14.93 7.00 21.76
C THR B 47 14.32 8.06 22.63
N THR B 48 13.31 8.81 22.17
CA THR B 48 12.68 9.81 23.03
C THR B 48 11.65 9.25 23.98
N LYS B 49 11.52 7.92 23.98
CA LYS B 49 10.74 7.19 24.95
C LYS B 49 11.22 5.74 24.87
N ARG B 50 11.30 5.12 26.05
CA ARG B 50 11.73 3.74 26.15
C ARG B 50 10.68 2.80 25.58
N CYS B 51 11.09 2.21 24.47
CA CYS B 51 10.37 1.12 23.85
C CYS B 51 10.96 -0.19 24.31
N HIS B 52 10.02 -1.11 24.42
CA HIS B 52 10.27 -2.43 24.99
C HIS B 52 10.29 -3.47 23.87
N LEU B 53 11.47 -3.95 23.55
CA LEU B 53 11.67 -4.88 22.46
C LEU B 53 11.24 -6.29 22.76
N ARG B 54 10.95 -6.68 24.00
CA ARG B 54 10.57 -8.05 24.33
C ARG B 54 9.21 -8.46 23.75
N SER B 55 8.29 -7.50 23.61
CA SER B 55 6.98 -7.76 23.02
C SER B 55 6.99 -7.67 21.51
N ILE B 56 7.85 -6.76 21.00
CA ILE B 56 8.07 -6.55 19.57
C ILE B 56 8.59 -7.82 18.91
N ILE B 57 9.51 -8.51 19.59
CA ILE B 57 10.13 -9.68 19.02
C ILE B 57 9.37 -10.99 19.21
N HIS B 58 8.65 -11.24 20.32
CA HIS B 58 7.87 -12.48 20.46
C HIS B 58 6.65 -12.48 19.54
N GLU B 59 6.11 -11.29 19.29
CA GLU B 59 4.98 -11.15 18.40
C GLU B 59 5.43 -11.47 16.98
N LEU B 60 6.58 -10.97 16.51
CA LEU B 60 7.06 -11.30 15.16
C LEU B 60 7.45 -12.76 14.96
N LEU B 61 7.95 -13.47 15.99
CA LEU B 61 8.21 -14.90 15.91
C LEU B 61 6.91 -15.71 16.03
N TRP B 62 5.90 -15.14 16.70
CA TRP B 62 4.56 -15.72 16.77
C TRP B 62 3.84 -15.65 15.40
N PHE B 63 3.94 -14.50 14.72
CA PHE B 63 3.52 -14.29 13.35
C PHE B 63 4.20 -15.24 12.35
N LEU B 64 5.53 -15.42 12.40
CA LEU B 64 6.22 -16.33 11.50
C LEU B 64 5.95 -17.81 11.70
N GLN B 65 5.41 -18.15 12.88
CA GLN B 65 5.00 -19.51 13.19
C GLN B 65 3.65 -19.89 12.62
N GLY B 66 2.82 -18.88 12.30
CA GLY B 66 1.52 -19.07 11.71
C GLY B 66 0.43 -19.41 12.72
N ASP B 67 0.71 -18.88 13.90
CA ASP B 67 -0.08 -19.07 15.08
C ASP B 67 -0.96 -17.84 15.24
N THR B 68 -2.22 -18.03 15.61
CA THR B 68 -3.15 -16.93 15.83
C THR B 68 -3.77 -16.95 17.22
N ASN B 69 -3.16 -17.71 18.14
CA ASN B 69 -3.64 -17.84 19.49
C ASN B 69 -2.61 -17.24 20.45
N ILE B 70 -3.07 -16.45 21.43
CA ILE B 70 -2.19 -15.82 22.42
C ILE B 70 -1.47 -16.76 23.38
N ALA B 71 -1.69 -18.09 23.33
CA ALA B 71 -1.05 -19.03 24.23
C ALA B 71 0.47 -18.86 24.29
N TYR B 72 1.21 -18.99 23.17
CA TYR B 72 2.66 -18.78 23.11
C TYR B 72 3.01 -17.43 23.70
N LEU B 73 2.17 -16.42 23.43
CA LEU B 73 2.41 -15.06 23.91
C LEU B 73 2.21 -14.88 25.41
N HIS B 74 1.46 -15.77 26.07
CA HIS B 74 1.31 -15.68 27.52
C HIS B 74 2.45 -16.36 28.23
N GLU B 75 2.96 -17.43 27.61
CA GLU B 75 4.13 -18.14 28.10
C GLU B 75 5.36 -17.24 28.13
N ASN B 76 5.40 -16.23 27.27
CA ASN B 76 6.51 -15.30 27.27
C ASN B 76 6.14 -13.92 27.83
N ASN B 77 5.15 -13.90 28.73
CA ASN B 77 4.72 -12.68 29.42
C ASN B 77 4.37 -11.44 28.61
N VAL B 78 4.02 -11.63 27.33
CA VAL B 78 3.63 -10.49 26.49
C VAL B 78 2.12 -10.50 26.36
N THR B 79 1.62 -9.35 26.85
CA THR B 79 0.19 -9.11 26.99
C THR B 79 -0.56 -8.24 25.96
N ILE B 80 0.11 -7.91 24.84
CA ILE B 80 -0.45 -7.07 23.78
C ILE B 80 -1.72 -7.53 23.09
N TRP B 81 -2.11 -8.82 23.15
CA TRP B 81 -3.28 -9.29 22.42
C TRP B 81 -4.47 -9.80 23.24
N ASP B 82 -4.46 -9.55 24.56
CA ASP B 82 -5.44 -10.14 25.48
C ASP B 82 -6.91 -9.83 25.34
N GLU B 83 -7.23 -8.53 25.33
CA GLU B 83 -8.59 -8.06 25.23
C GLU B 83 -9.24 -8.28 23.87
N TRP B 84 -8.51 -8.81 22.87
CA TRP B 84 -9.08 -9.13 21.57
C TRP B 84 -9.23 -10.62 21.31
N ALA B 85 -8.61 -11.45 22.13
CA ALA B 85 -8.77 -12.89 21.97
C ALA B 85 -10.06 -13.39 22.61
N ASP B 86 -10.56 -14.57 22.20
CA ASP B 86 -11.78 -15.10 22.78
C ASP B 86 -11.52 -15.78 24.11
N GLU B 87 -12.45 -16.57 24.68
CA GLU B 87 -12.23 -17.24 25.96
C GLU B 87 -11.33 -18.50 25.86
N ASN B 88 -10.97 -18.85 24.62
CA ASN B 88 -10.06 -19.95 24.35
C ASN B 88 -8.68 -19.48 23.89
N GLY B 89 -8.50 -18.16 23.76
CA GLY B 89 -7.24 -17.57 23.37
C GLY B 89 -7.07 -17.27 21.88
N ASP B 90 -7.97 -17.75 21.00
CA ASP B 90 -7.95 -17.46 19.57
C ASP B 90 -8.38 -16.08 19.10
N LEU B 91 -7.65 -15.56 18.12
CA LEU B 91 -7.97 -14.29 17.48
C LEU B 91 -8.62 -14.49 16.11
N GLY B 92 -8.89 -15.73 15.74
CA GLY B 92 -9.38 -16.05 14.41
C GLY B 92 -8.20 -15.97 13.45
N PRO B 93 -8.32 -15.99 12.12
CA PRO B 93 -7.16 -16.10 11.22
C PRO B 93 -6.46 -14.78 10.93
N VAL B 94 -5.93 -14.07 11.94
CA VAL B 94 -5.19 -12.82 11.70
C VAL B 94 -3.79 -13.13 11.15
N TYR B 95 -2.91 -12.12 11.03
CA TYR B 95 -1.57 -12.20 10.44
C TYR B 95 -0.82 -13.48 10.20
N GLY B 96 -0.46 -14.24 11.24
CA GLY B 96 0.23 -15.50 11.09
C GLY B 96 -0.50 -16.47 10.19
N LYS B 97 -1.83 -16.58 10.25
CA LYS B 97 -2.55 -17.53 9.40
C LYS B 97 -2.44 -17.05 7.97
N GLN B 98 -2.54 -15.75 7.70
CA GLN B 98 -2.45 -15.26 6.35
C GLN B 98 -1.09 -15.37 5.70
N TRP B 99 -0.04 -15.10 6.50
CA TRP B 99 1.38 -15.19 6.10
C TRP B 99 1.80 -16.61 5.80
N ARG B 100 1.45 -17.55 6.67
CA ARG B 100 1.88 -18.92 6.51
C ARG B 100 0.92 -19.85 5.78
N ALA B 101 -0.36 -19.48 5.69
CA ALA B 101 -1.37 -20.39 5.19
C ALA B 101 -2.56 -19.71 4.56
N TRP B 102 -2.35 -18.76 3.63
CA TRP B 102 -3.49 -18.11 3.01
C TRP B 102 -4.34 -19.15 2.27
N PRO B 103 -5.63 -19.32 2.63
CA PRO B 103 -6.56 -20.24 1.96
C PRO B 103 -7.16 -19.86 0.59
N THR B 104 -6.94 -20.69 -0.46
CA THR B 104 -7.57 -20.52 -1.77
C THR B 104 -9.08 -20.85 -1.70
N PRO B 105 -9.97 -20.57 -2.69
CA PRO B 105 -11.36 -21.01 -2.67
C PRO B 105 -11.45 -22.52 -2.86
N ASP B 106 -10.44 -23.13 -3.51
CA ASP B 106 -10.38 -24.56 -3.73
C ASP B 106 -9.62 -25.44 -2.72
N GLY B 107 -9.69 -25.21 -1.39
CA GLY B 107 -9.09 -26.12 -0.41
C GLY B 107 -7.63 -25.85 -0.03
N ARG B 108 -6.74 -25.73 -1.01
CA ARG B 108 -5.29 -25.50 -0.83
C ARG B 108 -4.83 -24.30 0.03
N HIS B 109 -3.55 -24.22 0.39
CA HIS B 109 -3.06 -23.08 1.18
C HIS B 109 -1.78 -22.54 0.56
N ILE B 110 -1.45 -21.27 0.83
CA ILE B 110 -0.28 -20.62 0.22
C ILE B 110 0.61 -20.08 1.33
N ASP B 111 1.88 -20.51 1.35
CA ASP B 111 2.82 -20.02 2.34
C ASP B 111 3.62 -18.86 1.76
N GLN B 112 3.12 -17.69 2.08
CA GLN B 112 3.70 -16.45 1.58
C GLN B 112 5.14 -16.13 1.97
N ILE B 113 5.64 -16.58 3.14
CA ILE B 113 7.00 -16.33 3.59
C ILE B 113 7.95 -17.28 2.84
N THR B 114 7.68 -18.59 2.75
CA THR B 114 8.43 -19.49 1.86
C THR B 114 8.39 -19.01 0.41
N THR B 115 7.27 -18.41 -0.03
CA THR B 115 7.20 -17.89 -1.38
C THR B 115 8.20 -16.76 -1.51
N VAL B 116 8.20 -15.84 -0.53
CA VAL B 116 9.10 -14.71 -0.56
C VAL B 116 10.55 -15.12 -0.38
N LEU B 117 10.88 -16.13 0.45
CA LEU B 117 12.22 -16.66 0.64
C LEU B 117 12.78 -17.15 -0.70
N ASN B 118 12.03 -17.98 -1.41
CA ASN B 118 12.46 -18.44 -2.73
C ASN B 118 12.54 -17.32 -3.76
N GLN B 119 11.73 -16.27 -3.71
CA GLN B 119 11.84 -15.19 -4.66
C GLN B 119 13.11 -14.42 -4.37
N LEU B 120 13.50 -14.13 -3.12
CA LEU B 120 14.76 -13.41 -2.84
C LEU B 120 16.00 -14.26 -3.15
N LYS B 121 15.87 -15.59 -3.16
CA LYS B 121 16.98 -16.46 -3.50
C LYS B 121 16.96 -16.99 -4.95
N ASN B 122 15.91 -16.82 -5.73
CA ASN B 122 15.92 -17.34 -7.10
C ASN B 122 15.47 -16.31 -8.10
N ASP B 123 14.74 -15.31 -7.67
CA ASP B 123 14.34 -14.23 -8.54
C ASP B 123 14.35 -12.87 -7.80
N PRO B 124 15.52 -12.35 -7.37
CA PRO B 124 15.60 -11.14 -6.58
C PRO B 124 15.16 -9.87 -7.30
N ASP B 125 15.18 -9.80 -8.62
CA ASP B 125 14.69 -8.63 -9.34
C ASP B 125 13.18 -8.57 -9.49
N SER B 126 12.45 -9.59 -9.03
CA SER B 126 10.98 -9.60 -9.05
C SER B 126 10.28 -8.42 -8.37
N ARG B 127 9.28 -7.92 -9.08
CA ARG B 127 8.47 -6.81 -8.61
C ARG B 127 7.19 -7.34 -7.96
N ARG B 128 7.09 -8.66 -7.70
CA ARG B 128 5.94 -9.26 -7.03
C ARG B 128 6.44 -9.89 -5.72
N ILE B 129 7.42 -9.36 -4.98
CA ILE B 129 7.83 -10.01 -3.74
C ILE B 129 6.99 -9.39 -2.63
N ILE B 130 5.75 -9.91 -2.56
CA ILE B 130 4.74 -9.35 -1.69
C ILE B 130 4.16 -10.36 -0.74
N VAL B 131 3.87 -9.89 0.47
CA VAL B 131 3.00 -10.65 1.37
C VAL B 131 1.95 -9.68 1.88
N SER B 132 0.72 -10.20 1.79
CA SER B 132 -0.48 -9.53 2.19
C SER B 132 -1.27 -10.34 3.20
N ALA B 133 -1.87 -9.63 4.14
CA ALA B 133 -2.70 -10.15 5.21
C ALA B 133 -4.14 -9.70 5.09
N TRP B 134 -4.40 -8.80 4.12
CA TRP B 134 -5.74 -8.34 3.81
C TRP B 134 -6.47 -9.36 2.91
N ASN B 135 -7.03 -10.38 3.57
CA ASN B 135 -7.83 -11.43 2.95
C ASN B 135 -9.26 -11.00 3.14
N VAL B 136 -9.86 -10.47 2.05
CA VAL B 136 -11.25 -9.97 2.08
C VAL B 136 -12.25 -11.09 2.40
N GLY B 137 -12.06 -12.32 1.92
CA GLY B 137 -12.91 -13.44 2.29
C GLY B 137 -12.95 -13.78 3.79
N GLU B 138 -11.83 -13.58 4.49
CA GLU B 138 -11.73 -13.94 5.89
C GLU B 138 -11.73 -12.79 6.86
N LEU B 139 -11.98 -11.54 6.43
CA LEU B 139 -11.99 -10.41 7.35
C LEU B 139 -13.05 -10.54 8.43
N ASP B 140 -14.21 -11.15 8.11
CA ASP B 140 -15.32 -11.41 9.04
C ASP B 140 -14.91 -12.26 10.22
N LYS B 141 -13.95 -13.15 9.93
CA LYS B 141 -13.43 -14.14 10.84
C LYS B 141 -12.33 -13.65 11.73
N MET B 142 -11.85 -12.42 11.52
CA MET B 142 -10.73 -11.90 12.29
C MET B 142 -11.16 -11.09 13.51
N ALA B 143 -10.47 -11.21 14.66
CA ALA B 143 -10.80 -10.45 15.87
C ALA B 143 -10.65 -8.96 15.74
N LEU B 144 -9.85 -8.59 14.74
CA LEU B 144 -9.56 -7.21 14.42
C LEU B 144 -8.94 -7.24 13.01
N ALA B 145 -9.49 -6.46 12.06
CA ALA B 145 -8.94 -6.35 10.69
C ALA B 145 -7.51 -5.82 10.69
N PRO B 146 -6.56 -6.37 9.89
CA PRO B 146 -5.12 -6.05 9.93
C PRO B 146 -4.79 -4.57 9.85
N CYS B 147 -3.98 -3.95 10.71
CA CYS B 147 -3.56 -2.57 10.51
C CYS B 147 -2.34 -2.53 9.57
N HIS B 148 -1.42 -3.50 9.72
CA HIS B 148 -0.29 -3.60 8.84
C HIS B 148 -0.62 -4.74 7.87
N ALA B 149 -1.18 -4.25 6.77
CA ALA B 149 -1.90 -5.08 5.81
C ALA B 149 -1.19 -5.69 4.62
N PHE B 150 -0.12 -5.01 4.21
CA PHE B 150 0.53 -5.33 2.95
C PHE B 150 1.97 -4.89 3.05
N PHE B 151 2.89 -5.66 2.46
CA PHE B 151 4.26 -5.23 2.32
C PHE B 151 4.95 -5.91 1.18
N GLN B 152 5.97 -5.19 0.69
CA GLN B 152 6.73 -5.57 -0.48
C GLN B 152 8.22 -5.43 -0.31
N PHE B 153 8.91 -6.51 -0.63
CA PHE B 153 10.36 -6.51 -0.63
C PHE B 153 10.88 -6.10 -2.00
N TYR B 154 12.20 -5.87 -2.03
CA TYR B 154 12.89 -5.27 -3.16
C TYR B 154 14.39 -5.47 -2.97
N VAL B 155 15.16 -5.72 -4.04
CA VAL B 155 16.61 -5.89 -3.99
C VAL B 155 17.19 -5.02 -5.10
N ALA B 156 18.28 -4.25 -4.89
CA ALA B 156 18.84 -3.37 -5.91
C ALA B 156 20.34 -3.61 -6.17
N ASP B 157 21.25 -3.19 -5.29
CA ASP B 157 22.65 -3.58 -5.45
C ASP B 157 22.99 -4.29 -4.16
N GLY B 158 22.64 -5.59 -4.19
CA GLY B 158 22.89 -6.49 -3.07
C GLY B 158 22.23 -6.13 -1.73
N LYS B 159 21.31 -5.15 -1.68
CA LYS B 159 20.56 -4.69 -0.50
C LYS B 159 19.08 -5.07 -0.46
N LEU B 160 18.54 -5.43 0.70
CA LEU B 160 17.14 -5.74 0.85
C LEU B 160 16.36 -4.62 1.55
N SER B 161 15.42 -4.08 0.74
CA SER B 161 14.43 -3.06 1.12
C SER B 161 13.05 -3.67 1.38
N CYS B 162 12.20 -2.91 2.09
CA CYS B 162 10.83 -3.28 2.39
C CYS B 162 9.95 -2.05 2.59
N GLN B 163 8.72 -2.15 2.08
CA GLN B 163 7.73 -1.10 2.23
C GLN B 163 6.44 -1.70 2.77
N LEU B 164 6.03 -1.14 3.92
CA LEU B 164 4.80 -1.52 4.57
C LEU B 164 3.69 -0.49 4.33
N TYR B 165 2.47 -0.97 4.08
CA TYR B 165 1.32 -0.12 4.03
C TYR B 165 0.52 -0.42 5.30
N GLN B 166 0.33 0.66 6.06
CA GLN B 166 -0.42 0.63 7.29
C GLN B 166 -1.70 1.44 7.08
N ARG B 167 -2.88 0.81 7.08
CA ARG B 167 -4.10 1.54 6.80
C ARG B 167 -4.67 2.41 7.89
N SER B 168 -4.16 2.08 9.07
CA SER B 168 -4.55 2.66 10.33
C SER B 168 -3.31 2.65 11.21
N CYS B 169 -3.09 3.79 11.86
CA CYS B 169 -1.92 4.00 12.69
C CYS B 169 -2.13 4.96 13.85
N ASP B 170 -1.93 4.40 15.05
CA ASP B 170 -1.92 5.15 16.29
C ASP B 170 -0.45 5.52 16.34
N VAL B 171 -0.22 6.80 16.06
CA VAL B 171 1.09 7.44 16.03
C VAL B 171 1.83 7.36 17.36
N PHE B 172 1.20 7.67 18.50
CA PHE B 172 1.91 7.66 19.77
C PHE B 172 2.10 6.24 20.22
N LEU B 173 1.06 5.41 20.10
CA LEU B 173 1.19 4.04 20.60
C LEU B 173 1.65 3.00 19.60
N GLY B 174 0.94 2.81 18.50
CA GLY B 174 1.27 1.74 17.59
C GLY B 174 2.48 1.94 16.69
N LEU B 175 2.79 3.15 16.26
CA LEU B 175 3.83 3.32 15.26
C LEU B 175 5.23 2.92 15.65
N PRO B 176 5.83 3.14 16.84
CA PRO B 176 7.13 2.67 17.28
C PRO B 176 7.28 1.16 17.32
N PHE B 177 6.14 0.51 17.51
CA PHE B 177 6.07 -0.93 17.60
C PHE B 177 6.22 -1.58 16.21
N ASN B 178 5.48 -1.08 15.21
CA ASN B 178 5.48 -1.57 13.84
C ASN B 178 6.75 -1.19 13.08
N ILE B 179 7.39 -0.05 13.39
CA ILE B 179 8.65 0.30 12.73
C ILE B 179 9.68 -0.68 13.25
N ALA B 180 9.84 -0.86 14.56
CA ALA B 180 10.79 -1.85 15.08
C ALA B 180 10.52 -3.27 14.57
N SER B 181 9.24 -3.69 14.47
CA SER B 181 8.84 -5.02 14.03
C SER B 181 9.26 -5.37 12.59
N TYR B 182 8.97 -4.48 11.67
CA TYR B 182 9.28 -4.72 10.27
C TYR B 182 10.73 -4.55 9.93
N ALA B 183 11.40 -3.60 10.58
CA ALA B 183 12.83 -3.43 10.43
C ALA B 183 13.58 -4.65 10.95
N LEU B 184 12.99 -5.30 11.95
CA LEU B 184 13.50 -6.55 12.49
C LEU B 184 13.36 -7.73 11.51
N LEU B 185 12.27 -7.74 10.73
CA LEU B 185 12.06 -8.80 9.77
C LEU B 185 12.98 -8.63 8.56
N VAL B 186 13.25 -7.40 8.10
CA VAL B 186 14.18 -7.15 7.03
C VAL B 186 15.57 -7.59 7.44
N HIS B 187 15.96 -7.52 8.73
CA HIS B 187 17.25 -8.07 9.11
C HIS B 187 17.29 -9.61 9.06
N MET B 188 16.19 -10.27 9.44
CA MET B 188 16.06 -11.71 9.42
C MET B 188 16.14 -12.28 8.00
N MET B 189 15.32 -11.69 7.12
CA MET B 189 15.27 -11.99 5.70
C MET B 189 16.59 -11.75 4.96
N ALA B 190 17.23 -10.62 5.24
CA ALA B 190 18.50 -10.30 4.63
C ALA B 190 19.57 -11.28 5.08
N GLN B 191 19.53 -11.73 6.35
CA GLN B 191 20.49 -12.69 6.91
C GLN B 191 20.33 -14.08 6.32
N GLN B 192 19.10 -14.52 6.11
CA GLN B 192 18.83 -15.81 5.46
C GLN B 192 19.19 -15.80 3.98
N CYS B 193 18.98 -14.64 3.35
CA CYS B 193 19.16 -14.50 1.92
C CYS B 193 20.47 -13.89 1.49
N ASP B 194 21.45 -13.78 2.41
CA ASP B 194 22.78 -13.22 2.15
C ASP B 194 22.79 -11.95 1.34
N LEU B 195 22.07 -10.99 1.95
CA LEU B 195 21.96 -9.65 1.40
C LEU B 195 22.30 -8.67 2.50
N GLU B 196 22.59 -7.43 2.09
CA GLU B 196 22.87 -6.34 3.00
C GLU B 196 21.53 -5.65 3.28
N VAL B 197 21.33 -4.76 4.27
CA VAL B 197 20.03 -4.14 4.53
C VAL B 197 19.87 -2.78 3.87
N GLY B 198 18.69 -2.50 3.32
CA GLY B 198 18.44 -1.24 2.62
C GLY B 198 17.39 -0.44 3.35
N ASP B 199 16.62 0.41 2.66
CA ASP B 199 15.62 1.24 3.31
C ASP B 199 14.38 0.51 3.82
N PHE B 200 13.74 1.09 4.84
CA PHE B 200 12.47 0.59 5.31
C PHE B 200 11.50 1.72 5.07
N VAL B 201 10.72 1.59 4.02
CA VAL B 201 9.73 2.59 3.63
C VAL B 201 8.44 2.25 4.38
N TRP B 202 7.90 3.23 5.11
CA TRP B 202 6.68 3.09 5.87
C TRP B 202 5.67 4.01 5.19
N THR B 203 4.53 3.53 4.68
CA THR B 203 3.49 4.41 4.13
C THR B 203 2.25 4.17 4.96
N GLY B 204 1.50 5.25 5.22
CA GLY B 204 0.28 5.14 6.02
C GLY B 204 -0.91 5.79 5.35
N GLY B 205 -2.05 5.21 5.71
CA GLY B 205 -3.33 5.70 5.28
C GLY B 205 -3.81 6.70 6.34
N ASP B 206 -4.82 6.33 7.13
CA ASP B 206 -5.34 7.15 8.22
C ASP B 206 -4.38 7.01 9.41
N THR B 207 -3.53 8.04 9.49
CA THR B 207 -2.48 8.18 10.48
C THR B 207 -3.06 9.13 11.52
N HIS B 208 -3.05 8.74 12.81
CA HIS B 208 -3.75 9.51 13.82
C HIS B 208 -3.18 9.46 15.21
N LEU B 209 -3.63 10.44 16.01
CA LEU B 209 -3.21 10.68 17.38
C LEU B 209 -4.51 10.79 18.18
N TYR B 210 -4.78 9.91 19.16
CA TYR B 210 -6.01 10.02 19.93
C TYR B 210 -6.03 11.29 20.78
N SER B 211 -7.19 11.93 20.98
CA SER B 211 -7.26 13.13 21.80
C SER B 211 -6.72 12.94 23.21
N ASN B 212 -6.89 11.76 23.84
CA ASN B 212 -6.33 11.53 25.16
C ASN B 212 -4.86 11.18 25.16
N HIS B 213 -4.14 11.53 24.09
CA HIS B 213 -2.70 11.28 24.00
C HIS B 213 -1.94 12.58 23.80
N MET B 214 -2.61 13.74 23.88
CA MET B 214 -1.99 15.04 23.66
C MET B 214 -0.87 15.42 24.63
N ASP B 215 -1.05 15.13 25.93
CA ASP B 215 -0.06 15.44 26.96
C ASP B 215 1.26 14.74 26.73
N GLN B 216 1.16 13.42 26.56
CA GLN B 216 2.29 12.57 26.33
C GLN B 216 3.03 12.93 25.04
N THR B 217 2.28 13.30 23.99
CA THR B 217 2.86 13.74 22.74
C THR B 217 3.70 14.99 22.98
N HIS B 218 3.16 16.05 23.62
CA HIS B 218 3.90 17.28 23.91
C HIS B 218 5.17 17.07 24.75
N LEU B 219 5.03 16.14 25.71
CA LEU B 219 6.14 15.71 26.54
C LEU B 219 7.19 15.10 25.63
N GLN B 220 6.86 14.12 24.78
CA GLN B 220 7.80 13.42 23.89
C GLN B 220 8.32 14.30 22.78
N LEU B 221 7.50 15.27 22.35
CA LEU B 221 7.88 16.16 21.27
C LEU B 221 8.88 17.22 21.72
N SER B 222 9.14 17.29 23.04
CA SER B 222 10.12 18.20 23.61
C SER B 222 11.40 17.49 24.03
N ARG B 223 11.63 16.26 23.56
CA ARG B 223 12.82 15.52 23.96
C ARG B 223 13.67 15.34 22.72
N GLU B 224 14.99 15.54 22.82
CA GLU B 224 15.89 15.45 21.68
C GLU B 224 16.28 14.02 21.33
N PRO B 225 16.18 13.62 20.06
CA PRO B 225 16.46 12.27 19.59
C PRO B 225 17.93 11.93 19.72
N ARG B 226 18.18 10.78 20.37
CA ARG B 226 19.54 10.25 20.60
C ARG B 226 20.04 9.22 19.56
N PRO B 227 21.32 8.83 19.48
CA PRO B 227 21.81 7.76 18.62
C PRO B 227 21.00 6.47 18.54
N LEU B 228 20.74 6.05 17.28
CA LEU B 228 20.00 4.81 17.08
C LEU B 228 20.82 3.61 17.53
N PRO B 229 20.17 2.59 18.09
CA PRO B 229 20.84 1.39 18.54
C PRO B 229 21.47 0.59 17.38
N LYS B 230 22.08 -0.55 17.67
CA LYS B 230 22.59 -1.39 16.64
C LYS B 230 22.09 -2.76 16.97
N LEU B 231 21.72 -3.48 15.93
CA LEU B 231 21.13 -4.77 16.13
C LEU B 231 22.12 -5.86 15.70
N ILE B 232 22.23 -6.81 16.63
CA ILE B 232 23.05 -8.00 16.54
C ILE B 232 22.15 -9.22 16.56
N ILE B 233 22.37 -10.10 15.57
CA ILE B 233 21.72 -11.40 15.48
C ILE B 233 22.84 -12.42 15.77
N LYS B 234 22.89 -12.87 17.03
CA LYS B 234 23.94 -13.73 17.60
C LYS B 234 24.25 -15.12 17.03
N ARG B 235 23.30 -15.74 16.34
CA ARG B 235 23.59 -16.98 15.65
C ARG B 235 22.75 -17.06 14.37
N LYS B 236 23.17 -17.78 13.36
CA LYS B 236 22.42 -17.86 12.08
C LYS B 236 21.63 -19.17 11.97
N PRO B 237 20.32 -19.12 12.20
CA PRO B 237 19.41 -20.26 12.16
C PRO B 237 19.25 -20.94 10.81
N GLU B 238 18.79 -22.19 10.89
CA GLU B 238 18.70 -23.03 9.70
C GLU B 238 17.67 -22.52 8.70
N SER B 239 16.73 -21.72 9.20
CA SER B 239 15.68 -21.08 8.43
C SER B 239 15.18 -19.85 9.16
N ILE B 240 14.25 -19.11 8.54
CA ILE B 240 13.62 -17.96 9.19
C ILE B 240 12.59 -18.37 10.25
N PHE B 241 12.21 -19.65 10.23
CA PHE B 241 11.21 -20.19 11.15
C PHE B 241 11.74 -20.63 12.49
N ASP B 242 13.03 -20.92 12.59
CA ASP B 242 13.62 -21.24 13.87
C ASP B 242 14.64 -20.28 14.47
N TYR B 243 14.20 -19.03 14.57
CA TYR B 243 14.95 -18.05 15.37
C TYR B 243 14.35 -18.06 16.79
N ARG B 244 15.03 -17.44 17.75
CA ARG B 244 14.56 -17.40 19.12
C ARG B 244 14.88 -16.03 19.70
N PHE B 245 14.32 -15.68 20.85
CA PHE B 245 14.50 -14.37 21.45
C PHE B 245 15.95 -14.08 21.82
N GLU B 246 16.68 -15.15 22.16
CA GLU B 246 18.10 -15.12 22.52
C GLU B 246 19.01 -14.58 21.41
N ASP B 247 18.57 -14.76 20.17
CA ASP B 247 19.34 -14.37 19.01
C ASP B 247 19.42 -12.87 18.72
N PHE B 248 18.74 -12.01 19.48
CA PHE B 248 18.69 -10.58 19.18
C PHE B 248 19.18 -9.70 20.32
N GLU B 249 19.95 -8.66 19.96
CA GLU B 249 20.56 -7.77 20.94
C GLU B 249 20.73 -6.32 20.46
N ILE B 250 20.69 -5.33 21.35
CA ILE B 250 20.81 -3.91 20.98
C ILE B 250 21.81 -3.09 21.78
N GLU B 251 22.96 -2.85 21.16
CA GLU B 251 23.98 -2.01 21.77
C GLU B 251 23.71 -0.57 21.40
N GLY B 252 24.15 0.33 22.28
CA GLY B 252 24.03 1.77 22.16
C GLY B 252 22.62 2.32 22.25
N TYR B 253 21.66 1.64 22.90
CA TYR B 253 20.31 2.17 22.99
C TYR B 253 20.19 2.96 24.29
N ASP B 254 20.41 4.27 24.30
CA ASP B 254 20.21 5.02 25.52
C ASP B 254 18.98 5.96 25.40
N PRO B 255 17.77 5.48 25.74
CA PRO B 255 16.52 6.25 25.62
C PRO B 255 16.14 7.17 26.79
N HIS B 256 15.09 7.96 26.55
CA HIS B 256 14.48 8.81 27.56
C HIS B 256 13.48 7.92 28.33
N PRO B 257 13.01 8.21 29.55
CA PRO B 257 11.95 7.44 30.21
C PRO B 257 10.70 7.06 29.38
N GLY B 258 10.17 5.88 29.75
CA GLY B 258 9.09 5.14 29.10
C GLY B 258 7.82 5.80 28.55
N ILE B 259 7.20 6.76 29.27
CA ILE B 259 5.92 7.41 28.99
C ILE B 259 4.75 6.44 28.89
N LYS B 260 3.89 6.55 29.90
CA LYS B 260 2.69 5.74 30.10
C LYS B 260 1.46 6.35 29.44
N ALA B 261 0.79 5.58 28.56
CA ALA B 261 -0.39 6.07 27.87
C ALA B 261 -1.58 5.13 27.83
N PRO B 262 -2.84 5.61 27.93
CA PRO B 262 -4.04 4.78 28.03
C PRO B 262 -4.39 4.08 26.73
N VAL B 263 -4.70 2.78 26.66
CA VAL B 263 -5.00 2.19 25.34
C VAL B 263 -6.50 2.23 25.07
N ALA B 264 -6.84 2.49 23.81
CA ALA B 264 -8.24 2.61 23.42
C ALA B 264 -8.76 1.32 22.80
N ILE B 265 -9.96 0.89 23.19
CA ILE B 265 -10.52 -0.37 22.70
C ILE B 265 -11.96 -0.19 22.22
#